data_4EQC
#
_entry.id   4EQC
#
_cell.length_a   51.494
_cell.length_b   103.026
_cell.length_c   122.350
_cell.angle_alpha   90.00
_cell.angle_beta   90.00
_cell.angle_gamma   90.00
#
_symmetry.space_group_name_H-M   'C 2 2 21'
#
loop_
_entity.id
_entity.type
_entity.pdbx_description
1 polymer 'Serine/threonine-protein kinase PAK 1'
2 non-polymer 6-[2-chloro-4-(1,3-thiazol-5-yl)phenyl]-8-ethyl-2-{[4-(4-methylpiperazin-1-yl)phenyl]amino}pyrido[2,3-d]pyrimidin-7(8H)-one
3 non-polymer 'CHLORIDE ION'
4 water water
#
_entity_poly.entity_id   1
_entity_poly.type   'polypeptide(L)'
_entity_poly.pdbx_seq_one_letter_code
;DPFTSDEEILEKLRSIVSVGDPKKKYTRFEKIGQGASGTVYTAMDVATGQEVAIRQMNLQQQPKKELIINEILVMRENKN
PNIVNYLDSYLVGDELWVVMEYLAGGSLTDVVTETCMDEGQIAAVCRECLQALEFLHSNQVIHRDIKSDNILLGMDGSVK
LTDFGFCAQITPEQSKRS(TPO)MVGTPYWMAPEVVTRKAYGPKVDIWSLGIMAIEMIEGEPPYLNENPLRALYLIATNG
TPELQNPEKLSAIFRDFLNRCLEMDVEKRGSAKELLQHQFLKIAKPLSSLTPLIAAAKEATKNNH
;
_entity_poly.pdbx_strand_id   A
#
loop_
_chem_comp.id
_chem_comp.type
_chem_comp.name
_chem_comp.formula
CL non-polymer 'CHLORIDE ION' 'Cl -1'
XR1 non-polymer 6-[2-chloro-4-(1,3-thiazol-5-yl)phenyl]-8-ethyl-2-{[4-(4-methylpiperazin-1-yl)phenyl]amino}pyrido[2,3-d]pyrimidin-7(8H)-one 'C29 H28 Cl N7 O S'
#
# COMPACT_ATOMS: atom_id res chain seq x y z
N ASP A 1 7.82 -20.62 -3.86
CA ASP A 1 9.24 -20.76 -4.34
C ASP A 1 9.44 -20.40 -5.86
N PRO A 2 10.46 -19.58 -6.18
CA PRO A 2 10.89 -19.17 -7.54
C PRO A 2 11.26 -20.27 -8.55
N PHE A 3 11.47 -21.50 -8.06
CA PHE A 3 11.94 -22.59 -8.93
C PHE A 3 10.84 -23.57 -9.28
N THR A 4 9.74 -23.40 -8.57
CA THR A 4 8.48 -24.09 -8.75
C THR A 4 8.06 -24.00 -10.20
N SER A 5 7.61 -25.12 -10.70
CA SER A 5 7.44 -25.35 -12.09
C SER A 5 6.26 -24.59 -12.60
N ASP A 6 6.26 -24.26 -13.86
CA ASP A 6 5.04 -23.80 -14.48
C ASP A 6 3.78 -24.60 -14.18
N GLU A 7 3.84 -25.93 -14.22
CA GLU A 7 2.62 -26.72 -14.05
C GLU A 7 2.22 -26.86 -12.59
N GLU A 8 3.18 -26.80 -11.67
CA GLU A 8 2.88 -26.83 -10.24
C GLU A 8 2.31 -25.45 -9.84
N ILE A 9 2.73 -24.41 -10.54
CA ILE A 9 2.17 -23.08 -10.30
C ILE A 9 0.68 -23.04 -10.68
N LEU A 10 0.37 -23.60 -11.84
CA LEU A 10 -0.99 -23.64 -12.34
C LEU A 10 -1.92 -24.48 -11.43
N GLU A 11 -1.38 -25.56 -10.85
CA GLU A 11 -2.21 -26.51 -10.08
C GLU A 11 -2.58 -25.87 -8.77
N LYS A 12 -1.61 -25.16 -8.20
CA LYS A 12 -1.81 -24.39 -6.99
C LYS A 12 -2.82 -23.25 -7.18
N LEU A 13 -2.74 -22.54 -8.30
CA LEU A 13 -3.71 -21.47 -8.56
C LEU A 13 -5.08 -22.07 -8.81
N ARG A 14 -5.14 -23.22 -9.50
CA ARG A 14 -6.40 -23.88 -9.78
C ARG A 14 -7.10 -24.18 -8.47
N SER A 15 -6.33 -24.52 -7.43
CA SER A 15 -6.94 -24.87 -6.13
C SER A 15 -7.48 -23.65 -5.38
N ILE A 16 -6.86 -22.51 -5.62
CA ILE A 16 -7.20 -21.23 -4.96
C ILE A 16 -8.48 -20.58 -5.54
N VAL A 17 -8.53 -20.50 -6.87
CA VAL A 17 -9.53 -19.79 -7.64
C VAL A 17 -10.96 -20.39 -7.55
N SER A 18 -11.98 -19.56 -7.75
CA SER A 18 -13.29 -20.10 -7.99
C SER A 18 -13.29 -20.73 -9.40
N VAL A 19 -14.17 -21.71 -9.59
CA VAL A 19 -14.34 -22.37 -10.88
C VAL A 19 -15.01 -21.52 -11.99
N GLY A 20 -14.65 -21.82 -13.24
CA GLY A 20 -15.39 -21.28 -14.40
C GLY A 20 -14.91 -19.92 -14.85
N ASP A 21 -15.72 -19.28 -15.70
CA ASP A 21 -15.29 -18.06 -16.33
C ASP A 21 -15.86 -16.84 -15.62
N PRO A 22 -15.01 -15.85 -15.29
CA PRO A 22 -15.42 -14.65 -14.52
C PRO A 22 -16.45 -13.77 -15.22
N LYS A 23 -16.63 -13.92 -16.53
CA LYS A 23 -17.71 -13.19 -17.21
C LYS A 23 -19.07 -13.71 -16.73
N LYS A 24 -19.07 -14.93 -16.18
CA LYS A 24 -20.22 -15.52 -15.49
C LYS A 24 -20.60 -14.72 -14.21
N LYS A 25 -19.83 -13.67 -13.89
CA LYS A 25 -20.09 -12.85 -12.72
C LYS A 25 -19.96 -11.30 -12.87
N TYR A 26 -19.41 -10.76 -13.99
CA TYR A 26 -19.11 -9.28 -14.17
C TYR A 26 -19.39 -8.66 -15.56
N THR A 27 -19.62 -7.34 -15.60
CA THR A 27 -20.08 -6.66 -16.83
C THR A 27 -19.54 -5.26 -17.23
N ARG A 28 -19.10 -4.42 -16.30
CA ARG A 28 -18.88 -3.01 -16.70
C ARG A 28 -17.52 -2.70 -17.34
N PHE A 29 -16.91 -3.70 -17.98
CA PHE A 29 -15.46 -3.65 -18.26
C PHE A 29 -15.07 -2.32 -18.87
N GLU A 30 -14.41 -1.46 -18.09
CA GLU A 30 -13.55 -0.39 -18.57
C GLU A 30 -12.11 -0.70 -18.15
N LYS A 31 -11.21 -0.80 -19.12
CA LYS A 31 -9.76 -0.87 -18.87
C LYS A 31 -9.23 0.42 -18.26
N ILE A 32 -8.67 0.35 -17.05
CA ILE A 32 -8.16 1.55 -16.37
C ILE A 32 -6.65 1.57 -16.16
N GLY A 33 -5.95 0.70 -16.88
CA GLY A 33 -4.49 0.56 -16.79
C GLY A 33 -3.97 -0.72 -17.40
N GLN A 34 -2.66 -0.78 -17.64
CA GLN A 34 -2.00 -1.99 -18.16
C GLN A 34 -0.52 -1.89 -17.91
N GLY A 35 0.19 -3.01 -18.09
CA GLY A 35 1.63 -3.03 -17.86
C GLY A 35 2.09 -4.36 -17.28
N ALA A 36 3.32 -4.37 -16.77
CA ALA A 36 4.01 -5.59 -16.37
C ALA A 36 3.24 -6.49 -15.38
N SER A 37 2.50 -5.91 -14.44
CA SER A 37 1.79 -6.70 -13.43
C SER A 37 0.46 -7.26 -13.96
N GLY A 38 -0.04 -6.67 -15.04
CA GLY A 38 -1.23 -7.14 -15.74
C GLY A 38 -2.10 -5.98 -16.21
N THR A 39 -3.29 -6.30 -16.67
CA THR A 39 -4.22 -5.27 -17.12
C THR A 39 -5.33 -5.06 -16.06
N VAL A 40 -5.60 -3.81 -15.67
CA VAL A 40 -6.65 -3.54 -14.70
C VAL A 40 -7.91 -2.97 -15.34
N TYR A 41 -9.06 -3.48 -14.89
CA TYR A 41 -10.38 -2.97 -15.30
C TYR A 41 -11.19 -2.55 -14.09
N THR A 42 -12.11 -1.62 -14.32
CA THR A 42 -13.31 -1.54 -13.52
C THR A 42 -14.38 -2.40 -14.20
N ALA A 43 -15.28 -2.96 -13.41
CA ALA A 43 -16.34 -3.79 -13.92
C ALA A 43 -17.44 -3.72 -12.88
N MET A 44 -18.56 -4.37 -13.17
CA MET A 44 -19.68 -4.43 -12.25
C MET A 44 -20.07 -5.87 -12.02
N ASP A 45 -20.20 -6.22 -10.75
CA ASP A 45 -20.81 -7.46 -10.37
C ASP A 45 -22.20 -7.23 -11.00
N VAL A 46 -22.44 -7.98 -12.10
CA VAL A 46 -23.72 -8.42 -12.72
C VAL A 46 -24.88 -8.71 -11.75
N ALA A 47 -24.60 -9.52 -10.71
CA ALA A 47 -25.57 -9.91 -9.68
C ALA A 47 -25.96 -8.83 -8.64
N THR A 48 -24.96 -8.11 -8.14
CA THR A 48 -25.13 -7.22 -6.97
C THR A 48 -25.01 -5.75 -7.34
N GLY A 49 -24.38 -5.46 -8.47
CA GLY A 49 -24.14 -4.09 -8.90
C GLY A 49 -22.88 -3.44 -8.31
N GLN A 50 -22.27 -4.08 -7.31
CA GLN A 50 -20.96 -3.65 -6.79
C GLN A 50 -19.97 -3.37 -7.93
N GLU A 51 -19.40 -2.17 -7.93
CA GLU A 51 -18.28 -1.83 -8.80
C GLU A 51 -17.01 -2.50 -8.27
N VAL A 52 -16.29 -3.18 -9.15
CA VAL A 52 -15.10 -3.93 -8.79
C VAL A 52 -13.94 -3.52 -9.67
N ALA A 53 -12.75 -3.84 -9.18
CA ALA A 53 -11.52 -3.66 -9.91
C ALA A 53 -11.00 -5.07 -10.22
N ILE A 54 -10.62 -5.30 -11.46
CA ILE A 54 -10.19 -6.62 -11.86
C ILE A 54 -8.87 -6.55 -12.57
N ARG A 55 -7.90 -7.29 -12.07
CA ARG A 55 -6.63 -7.45 -12.77
C ARG A 55 -6.63 -8.75 -13.57
N GLN A 56 -6.29 -8.68 -14.86
CA GLN A 56 -6.13 -9.84 -15.72
C GLN A 56 -4.63 -10.03 -15.99
N MET A 57 -4.14 -11.23 -15.72
CA MET A 57 -2.77 -11.55 -15.98
C MET A 57 -2.66 -12.78 -16.87
N ASN A 58 -1.78 -12.70 -17.87
CA ASN A 58 -1.34 -13.85 -18.67
CA ASN A 58 -1.38 -13.87 -18.63
C ASN A 58 -0.13 -14.46 -17.98
N LEU A 59 -0.26 -15.68 -17.44
CA LEU A 59 0.80 -16.34 -16.67
C LEU A 59 2.05 -16.66 -17.48
N GLN A 60 1.88 -16.82 -18.79
CA GLN A 60 3.01 -16.96 -19.72
C GLN A 60 3.96 -15.77 -19.66
N GLN A 61 3.40 -14.57 -19.54
CA GLN A 61 4.19 -13.35 -19.50
CA GLN A 61 4.20 -13.35 -19.51
C GLN A 61 4.40 -12.83 -18.08
N GLN A 62 4.30 -13.75 -17.12
CA GLN A 62 4.50 -13.41 -15.71
C GLN A 62 5.77 -14.04 -15.13
N PRO A 63 6.81 -13.20 -14.88
CA PRO A 63 8.14 -13.66 -14.46
C PRO A 63 8.23 -14.34 -13.09
N LYS A 64 7.39 -13.90 -12.15
CA LYS A 64 7.52 -14.30 -10.76
C LYS A 64 6.17 -14.68 -10.19
N LYS A 65 5.73 -15.87 -10.55
CA LYS A 65 4.38 -16.32 -10.24
C LYS A 65 4.14 -16.72 -8.80
N GLU A 66 5.20 -17.12 -8.08
CA GLU A 66 5.17 -17.38 -6.62
C GLU A 66 4.62 -16.17 -5.88
N LEU A 67 4.97 -14.98 -6.38
CA LEU A 67 4.60 -13.73 -5.73
C LEU A 67 3.13 -13.42 -5.99
N ILE A 68 2.62 -13.84 -7.13
CA ILE A 68 1.17 -13.68 -7.38
C ILE A 68 0.35 -14.61 -6.46
N ILE A 69 0.73 -15.88 -6.39
CA ILE A 69 0.10 -16.81 -5.42
C ILE A 69 0.14 -16.24 -4.00
N ASN A 70 1.34 -15.91 -3.52
CA ASN A 70 1.50 -15.21 -2.21
C ASN A 70 0.59 -14.03 -2.01
N GLU A 71 0.51 -13.15 -3.02
CA GLU A 71 -0.31 -11.95 -2.85
C GLU A 71 -1.81 -12.29 -2.58
N ILE A 72 -2.35 -13.21 -3.36
CA ILE A 72 -3.74 -13.62 -3.18
C ILE A 72 -4.01 -14.30 -1.83
N LEU A 73 -3.16 -15.25 -1.46
CA LEU A 73 -3.21 -15.96 -0.15
C LEU A 73 -3.17 -14.99 1.04
N VAL A 74 -2.32 -13.95 0.93
CA VAL A 74 -2.18 -12.93 2.01
C VAL A 74 -3.46 -12.12 2.09
N MET A 75 -3.96 -11.71 0.94
CA MET A 75 -5.18 -10.92 0.88
CA MET A 75 -5.17 -10.92 0.94
C MET A 75 -6.33 -11.73 1.48
N ARG A 76 -6.45 -12.96 1.04
CA ARG A 76 -7.54 -13.81 1.45
C ARG A 76 -7.62 -13.99 2.96
N GLU A 77 -6.46 -14.17 3.60
CA GLU A 77 -6.41 -14.50 4.99
C GLU A 77 -6.11 -13.28 5.89
N ASN A 78 -5.99 -12.09 5.29
CA ASN A 78 -5.79 -10.87 6.09
C ASN A 78 -6.80 -9.78 5.77
N LYS A 79 -8.07 -10.13 5.87
CA LYS A 79 -9.11 -9.19 5.63
C LYS A 79 -9.13 -8.12 6.78
N ASN A 80 -9.21 -6.86 6.38
CA ASN A 80 -9.29 -5.75 7.34
C ASN A 80 -10.01 -4.51 6.70
N PRO A 81 -10.78 -3.72 7.52
CA PRO A 81 -11.47 -2.49 7.10
C PRO A 81 -10.54 -1.55 6.35
N ASN A 82 -9.25 -1.54 6.71
CA ASN A 82 -8.33 -0.61 6.09
C ASN A 82 -7.43 -1.27 5.05
N ILE A 83 -7.89 -2.36 4.46
CA ILE A 83 -7.17 -3.07 3.39
C ILE A 83 -8.21 -3.31 2.29
N VAL A 84 -7.83 -3.02 1.05
CA VAL A 84 -8.75 -3.14 -0.07
C VAL A 84 -9.18 -4.58 -0.09
N ASN A 85 -10.48 -4.78 -0.14
CA ASN A 85 -11.07 -6.10 -0.03
C ASN A 85 -10.80 -6.95 -1.26
N TYR A 86 -10.24 -8.14 -1.03
CA TYR A 86 -10.12 -9.16 -2.07
C TYR A 86 -11.43 -9.93 -2.19
N LEU A 87 -12.00 -9.96 -3.39
CA LEU A 87 -13.32 -10.58 -3.55
C LEU A 87 -13.27 -12.02 -4.09
N ASP A 88 -12.53 -12.24 -5.16
CA ASP A 88 -12.59 -13.52 -5.88
C ASP A 88 -11.39 -13.62 -6.81
N SER A 89 -11.14 -14.82 -7.36
CA SER A 89 -10.12 -15.01 -8.41
C SER A 89 -10.61 -16.15 -9.29
N TYR A 90 -10.14 -16.15 -10.55
CA TYR A 90 -10.57 -17.11 -11.60
C TYR A 90 -9.36 -17.46 -12.41
N LEU A 91 -9.31 -18.66 -12.96
CA LEU A 91 -8.22 -19.03 -13.84
C LEU A 91 -8.84 -19.69 -15.03
N VAL A 92 -8.60 -19.11 -16.21
CA VAL A 92 -9.12 -19.64 -17.45
C VAL A 92 -7.92 -19.83 -18.32
N GLY A 93 -7.49 -21.09 -18.44
CA GLY A 93 -6.23 -21.44 -19.07
C GLY A 93 -5.03 -20.77 -18.40
N ASP A 94 -4.31 -19.96 -19.16
CA ASP A 94 -3.16 -19.25 -18.63
C ASP A 94 -3.59 -17.86 -18.14
N GLU A 95 -4.88 -17.58 -18.22
CA GLU A 95 -5.38 -16.28 -17.85
C GLU A 95 -5.93 -16.23 -16.42
N LEU A 96 -5.19 -15.55 -15.54
CA LEU A 96 -5.58 -15.35 -14.16
C LEU A 96 -6.30 -14.00 -13.93
N TRP A 97 -7.39 -14.05 -13.16
CA TRP A 97 -8.12 -12.85 -12.83
CA TRP A 97 -8.19 -12.89 -12.83
C TRP A 97 -8.26 -12.73 -11.33
N VAL A 98 -7.94 -11.54 -10.84
CA VAL A 98 -8.15 -11.20 -9.44
C VAL A 98 -9.11 -10.02 -9.34
N VAL A 99 -10.16 -10.22 -8.55
CA VAL A 99 -11.27 -9.27 -8.40
C VAL A 99 -11.23 -8.65 -6.97
N MET A 100 -11.28 -7.32 -6.95
CA MET A 100 -11.13 -6.53 -5.70
C MET A 100 -12.26 -5.57 -5.62
N GLU A 101 -12.56 -5.10 -4.41
CA GLU A 101 -13.48 -3.96 -4.32
C GLU A 101 -12.83 -2.80 -5.11
N TYR A 102 -13.65 -1.93 -5.71
CA TYR A 102 -13.16 -0.72 -6.36
C TYR A 102 -13.34 0.48 -5.40
N LEU A 103 -12.30 1.28 -5.21
CA LEU A 103 -12.42 2.53 -4.43
C LEU A 103 -12.43 3.71 -5.41
N ALA A 104 -13.61 4.31 -5.56
CA ALA A 104 -13.85 5.29 -6.60
C ALA A 104 -13.11 6.58 -6.31
N GLY A 105 -12.50 6.69 -5.13
CA GLY A 105 -11.81 7.91 -4.74
C GLY A 105 -10.39 7.99 -5.29
N GLY A 106 -9.91 6.94 -5.94
CA GLY A 106 -8.55 6.97 -6.50
C GLY A 106 -7.45 6.81 -5.47
N SER A 107 -6.24 7.24 -5.84
CA SER A 107 -5.07 7.17 -4.99
CA SER A 107 -5.10 7.16 -4.95
C SER A 107 -4.89 8.39 -4.09
N LEU A 108 -4.21 8.20 -2.96
CA LEU A 108 -3.79 9.27 -2.09
C LEU A 108 -2.78 10.14 -2.85
N THR A 109 -2.05 9.57 -3.80
CA THR A 109 -1.04 10.31 -4.61
C THR A 109 -1.68 11.45 -5.34
N ASP A 110 -2.82 11.17 -5.96
CA ASP A 110 -3.66 12.25 -6.54
C ASP A 110 -3.97 13.38 -5.56
N VAL A 111 -4.36 13.00 -4.35
CA VAL A 111 -4.70 14.01 -3.36
C VAL A 111 -3.46 14.86 -3.00
N VAL A 112 -2.32 14.23 -2.71
CA VAL A 112 -1.11 14.92 -2.25
C VAL A 112 -0.46 15.79 -3.34
N THR A 113 -0.74 15.42 -4.58
CA THR A 113 -0.20 16.04 -5.76
C THR A 113 -1.11 17.23 -6.25
N GLU A 114 -2.41 17.18 -5.96
CA GLU A 114 -3.38 18.17 -6.49
C GLU A 114 -4.03 19.05 -5.44
N THR A 115 -3.91 18.70 -4.17
CA THR A 115 -4.58 19.45 -3.12
C THR A 115 -3.61 19.67 -1.98
N CYS A 116 -4.03 20.46 -1.00
CA CYS A 116 -3.22 20.68 0.20
CA CYS A 116 -3.24 20.74 0.21
C CYS A 116 -4.03 20.25 1.41
N MET A 117 -3.64 19.11 1.97
CA MET A 117 -4.30 18.53 3.15
C MET A 117 -4.04 19.36 4.37
N ASP A 118 -5.06 19.50 5.24
CA ASP A 118 -4.77 20.10 6.56
C ASP A 118 -4.33 19.00 7.56
N GLU A 119 -3.88 19.41 8.75
CA GLU A 119 -3.30 18.49 9.68
C GLU A 119 -4.38 17.59 10.23
N GLY A 120 -5.60 18.10 10.37
CA GLY A 120 -6.79 17.29 10.70
C GLY A 120 -7.01 16.15 9.71
N GLN A 121 -6.88 16.46 8.43
CA GLN A 121 -7.07 15.46 7.36
C GLN A 121 -5.90 14.49 7.28
N ILE A 122 -4.68 15.01 7.40
CA ILE A 122 -3.46 14.15 7.52
C ILE A 122 -3.57 13.14 8.69
N ALA A 123 -3.99 13.64 9.87
CA ALA A 123 -4.10 12.79 11.06
C ALA A 123 -5.06 11.63 10.82
N ALA A 124 -6.16 11.91 10.15
CA ALA A 124 -7.17 10.90 9.82
C ALA A 124 -6.63 9.81 8.89
N VAL A 125 -5.92 10.19 7.84
CA VAL A 125 -5.26 9.22 6.94
C VAL A 125 -4.19 8.39 7.68
N CYS A 126 -3.35 9.05 8.47
CA CYS A 126 -2.32 8.31 9.17
C CYS A 126 -2.93 7.32 10.15
N ARG A 127 -4.03 7.72 10.80
CA ARG A 127 -4.70 6.84 11.74
C ARG A 127 -5.14 5.55 11.03
N GLU A 128 -5.86 5.74 9.92
CA GLU A 128 -6.42 4.61 9.17
C GLU A 128 -5.32 3.68 8.66
N CYS A 129 -4.23 4.22 8.10
CA CYS A 129 -3.08 3.40 7.74
C CYS A 129 -2.47 2.68 8.92
N LEU A 130 -2.37 3.35 10.06
CA LEU A 130 -1.79 2.70 11.23
C LEU A 130 -2.72 1.57 11.70
N GLN A 131 -4.03 1.72 11.47
CA GLN A 131 -4.96 0.65 11.85
C GLN A 131 -4.65 -0.58 11.01
N ALA A 132 -4.40 -0.41 9.71
CA ALA A 132 -4.07 -1.58 8.84
C ALA A 132 -2.73 -2.15 9.24
N LEU A 133 -1.77 -1.29 9.58
CA LEU A 133 -0.39 -1.72 9.91
C LEU A 133 -0.34 -2.47 11.22
N GLU A 134 -1.03 -1.96 12.26
CA GLU A 134 -1.14 -2.73 13.50
CA GLU A 134 -1.15 -2.74 13.52
C GLU A 134 -1.70 -4.13 13.24
N PHE A 135 -2.77 -4.20 12.47
CA PHE A 135 -3.37 -5.49 12.14
C PHE A 135 -2.37 -6.37 11.39
N LEU A 136 -1.68 -5.84 10.36
CA LEU A 136 -0.72 -6.65 9.59
C LEU A 136 0.39 -7.16 10.43
N HIS A 137 0.93 -6.26 11.23
CA HIS A 137 2.14 -6.61 11.94
C HIS A 137 1.82 -7.64 12.98
N SER A 138 0.66 -7.52 13.61
CA SER A 138 0.25 -8.48 14.65
C SER A 138 -0.01 -9.85 14.05
N ASN A 139 -0.32 -9.87 12.75
CA ASN A 139 -0.47 -11.09 12.00
C ASN A 139 0.80 -11.46 11.27
N GLN A 140 1.90 -10.87 11.68
CA GLN A 140 3.24 -11.17 11.11
C GLN A 140 3.33 -10.93 9.61
N VAL A 141 2.70 -9.84 9.16
CA VAL A 141 2.80 -9.44 7.76
C VAL A 141 3.43 -8.04 7.69
N ILE A 142 4.47 -7.91 6.86
CA ILE A 142 5.06 -6.61 6.67
C ILE A 142 4.75 -6.22 5.27
N HIS A 143 4.12 -5.06 5.11
CA HIS A 143 3.71 -4.62 3.80
C HIS A 143 4.90 -4.40 2.83
N ARG A 144 5.91 -3.67 3.34
CA ARG A 144 7.19 -3.38 2.68
C ARG A 144 7.11 -2.38 1.53
N ASP A 145 5.91 -1.98 1.10
CA ASP A 145 5.80 -0.96 0.03
C ASP A 145 4.77 0.18 0.31
N ILE A 146 4.84 0.72 1.52
CA ILE A 146 3.93 1.78 1.96
C ILE A 146 4.35 3.12 1.33
N LYS A 147 3.40 3.76 0.64
CA LYS A 147 3.62 5.01 -0.10
C LYS A 147 2.23 5.46 -0.58
N SER A 148 2.05 6.73 -0.96
CA SER A 148 0.72 7.26 -1.28
CA SER A 148 0.72 7.26 -1.28
C SER A 148 0.04 6.48 -2.39
N ASP A 149 0.83 5.96 -3.33
CA ASP A 149 0.35 5.16 -4.46
CA ASP A 149 0.24 5.25 -4.47
C ASP A 149 -0.37 3.92 -4.03
N ASN A 150 0.05 3.39 -2.89
CA ASN A 150 -0.60 2.17 -2.38
C ASN A 150 -1.67 2.39 -1.33
N ILE A 151 -2.11 3.64 -1.18
CA ILE A 151 -3.28 3.91 -0.36
CA ILE A 151 -3.28 3.96 -0.35
C ILE A 151 -4.40 4.28 -1.31
N LEU A 152 -5.54 3.63 -1.14
CA LEU A 152 -6.72 3.95 -1.98
C LEU A 152 -7.81 4.53 -1.15
N LEU A 153 -8.67 5.33 -1.80
CA LEU A 153 -9.63 6.16 -1.15
C LEU A 153 -11.02 5.92 -1.70
N GLY A 154 -11.98 5.73 -0.77
CA GLY A 154 -13.41 5.72 -1.07
C GLY A 154 -13.90 7.15 -1.21
N MET A 155 -15.02 7.29 -1.92
CA MET A 155 -15.70 8.55 -2.11
C MET A 155 -16.27 9.08 -0.78
N ASP A 156 -16.38 8.20 0.23
CA ASP A 156 -16.76 8.60 1.59
C ASP A 156 -15.55 9.01 2.48
N GLY A 157 -14.37 8.96 1.87
CA GLY A 157 -13.13 9.16 2.57
C GLY A 157 -12.55 7.97 3.31
N SER A 158 -13.00 6.75 2.97
CA SER A 158 -12.34 5.51 3.38
C SER A 158 -10.90 5.50 2.92
N VAL A 159 -10.05 4.90 3.75
CA VAL A 159 -8.58 4.81 3.55
C VAL A 159 -8.18 3.33 3.56
N LYS A 160 -7.68 2.80 2.44
CA LYS A 160 -7.42 1.36 2.36
C LYS A 160 -6.04 1.15 1.71
N LEU A 161 -5.24 0.29 2.35
CA LEU A 161 -3.96 -0.15 1.80
C LEU A 161 -4.18 -1.14 0.69
N THR A 162 -3.30 -1.07 -0.30
CA THR A 162 -3.31 -1.98 -1.46
C THR A 162 -1.89 -2.45 -1.82
N ASP A 163 -1.77 -3.38 -2.75
CA ASP A 163 -0.54 -3.78 -3.38
C ASP A 163 0.39 -4.45 -2.42
N PHE A 164 0.01 -5.66 -2.08
CA PHE A 164 0.74 -6.53 -1.24
C PHE A 164 1.69 -7.44 -1.99
N GLY A 165 1.97 -7.15 -3.24
CA GLY A 165 2.92 -7.86 -4.04
C GLY A 165 4.31 -8.00 -3.41
N PHE A 166 4.70 -7.11 -2.51
CA PHE A 166 6.06 -7.21 -1.94
C PHE A 166 6.07 -7.56 -0.47
N CYS A 167 4.93 -8.01 0.06
CA CYS A 167 4.81 -8.18 1.51
C CYS A 167 5.70 -9.33 1.96
N ALA A 168 6.13 -9.31 3.20
CA ALA A 168 6.79 -10.48 3.74
C ALA A 168 5.92 -11.10 4.84
N GLN A 169 5.98 -12.41 4.96
CA GLN A 169 5.37 -13.07 6.08
C GLN A 169 6.52 -13.60 6.90
N ILE A 170 6.56 -13.16 8.16
CA ILE A 170 7.62 -13.52 9.07
C ILE A 170 7.10 -14.49 10.15
N THR A 171 8.02 -15.06 10.93
CA THR A 171 7.70 -15.92 12.08
C THR A 171 8.63 -15.56 13.27
N PRO A 172 8.33 -16.08 14.48
CA PRO A 172 9.30 -15.79 15.57
C PRO A 172 10.68 -16.40 15.27
N GLU A 173 10.65 -17.47 14.50
CA GLU A 173 11.80 -18.22 14.08
C GLU A 173 12.63 -17.41 13.06
N GLN A 174 11.95 -16.81 12.08
CA GLN A 174 12.62 -15.83 11.21
C GLN A 174 11.88 -14.46 11.19
N SER A 175 12.15 -13.64 12.20
CA SER A 175 11.38 -12.40 12.40
C SER A 175 11.85 -11.22 11.55
N LYS A 176 12.98 -11.41 10.88
CA LYS A 176 13.70 -10.38 10.18
C LYS A 176 13.88 -10.76 8.74
N ARG A 177 13.88 -9.72 7.89
CA ARG A 177 14.02 -9.85 6.46
C ARG A 177 15.23 -9.05 6.00
N SER A 178 15.63 -9.23 4.75
CA SER A 178 16.81 -8.54 4.21
C SER A 178 16.59 -8.07 2.79
N TPO A 179 15.73 -8.75 2.05
CA TPO A 179 15.44 -8.37 0.69
CB TPO A 179 14.37 -9.27 0.10
CG2 TPO A 179 14.40 -9.18 -1.42
OG1 TPO A 179 14.54 -10.64 0.53
P TPO A 179 13.46 -11.38 1.46
O1P TPO A 179 13.66 -10.64 2.74
O2P TPO A 179 12.12 -11.08 0.83
O3P TPO A 179 13.80 -12.82 1.45
C TPO A 179 15.04 -6.94 0.53
O TPO A 179 14.21 -6.41 1.28
N MET A 180 15.64 -6.27 -0.46
CA MET A 180 15.34 -4.86 -0.73
C MET A 180 14.27 -4.88 -1.78
N VAL A 181 12.99 -4.76 -1.38
CA VAL A 181 11.83 -4.93 -2.27
C VAL A 181 11.05 -3.64 -2.51
N GLY A 182 11.07 -2.72 -1.54
CA GLY A 182 10.20 -1.50 -1.56
C GLY A 182 10.63 -0.42 -2.53
N THR A 183 9.79 0.59 -2.71
CA THR A 183 10.14 1.75 -3.54
C THR A 183 11.24 2.58 -2.85
N PRO A 184 12.35 2.82 -3.56
CA PRO A 184 13.48 3.56 -3.01
C PRO A 184 13.21 4.73 -2.07
N TYR A 185 12.42 5.72 -2.49
CA TYR A 185 12.29 6.96 -1.70
C TYR A 185 11.61 6.78 -0.34
N TRP A 186 10.94 5.64 -0.17
CA TRP A 186 10.18 5.39 1.05
C TRP A 186 10.88 4.40 1.96
N MET A 187 12.01 3.87 1.49
CA MET A 187 12.78 2.84 2.21
C MET A 187 13.47 3.34 3.46
N ALA A 188 13.32 2.57 4.55
CA ALA A 188 13.95 2.87 5.84
C ALA A 188 15.48 2.72 5.68
N PRO A 189 16.27 3.50 6.45
CA PRO A 189 17.69 3.37 6.17
C PRO A 189 18.24 1.96 6.47
N GLU A 190 17.64 1.21 7.40
CA GLU A 190 18.20 -0.12 7.77
C GLU A 190 18.06 -1.21 6.69
N VAL A 191 17.18 -0.98 5.74
CA VAL A 191 17.06 -1.84 4.58
C VAL A 191 18.39 -1.84 3.77
N VAL A 192 19.03 -0.68 3.63
CA VAL A 192 20.35 -0.63 2.96
C VAL A 192 21.58 -0.77 3.88
N THR A 193 21.49 -0.29 5.12
CA THR A 193 22.68 -0.31 5.98
C THR A 193 22.92 -1.65 6.67
N ARG A 194 21.84 -2.42 6.92
CA ARG A 194 21.96 -3.78 7.54
C ARG A 194 21.43 -4.86 6.59
N LYS A 195 21.28 -6.09 7.07
CA LYS A 195 20.55 -7.15 6.32
C LYS A 195 19.52 -7.81 7.23
N ALA A 196 18.88 -6.98 8.06
CA ALA A 196 17.94 -7.49 9.03
C ALA A 196 17.03 -6.33 9.38
N TYR A 197 15.81 -6.38 8.85
CA TYR A 197 14.78 -5.40 9.18
C TYR A 197 13.44 -6.13 9.53
N GLY A 198 12.60 -5.47 10.32
CA GLY A 198 11.30 -6.02 10.70
C GLY A 198 10.17 -5.09 10.27
N PRO A 199 8.98 -5.24 10.89
CA PRO A 199 7.76 -4.48 10.62
C PRO A 199 7.89 -2.97 10.62
N LYS A 200 8.84 -2.43 11.40
CA LYS A 200 8.92 -0.97 11.56
C LYS A 200 9.46 -0.28 10.32
N VAL A 201 9.78 -1.06 9.31
CA VAL A 201 10.13 -0.43 8.03
C VAL A 201 8.85 0.18 7.44
N ASP A 202 7.69 -0.41 7.72
CA ASP A 202 6.39 0.16 7.24
C ASP A 202 6.06 1.50 7.94
N ILE A 203 6.49 1.64 9.18
CA ILE A 203 6.31 2.89 9.98
C ILE A 203 7.17 3.99 9.38
N TRP A 204 8.42 3.65 9.07
CA TRP A 204 9.29 4.60 8.38
C TRP A 204 8.61 5.10 7.12
N SER A 205 8.17 4.20 6.26
CA SER A 205 7.50 4.60 5.00
C SER A 205 6.28 5.43 5.24
N LEU A 206 5.55 5.10 6.32
CA LEU A 206 4.35 5.81 6.67
C LEU A 206 4.77 7.23 6.95
N GLY A 207 5.91 7.37 7.60
CA GLY A 207 6.43 8.70 7.91
C GLY A 207 6.78 9.45 6.64
N ILE A 208 7.29 8.74 5.64
CA ILE A 208 7.64 9.39 4.39
C ILE A 208 6.36 9.82 3.66
N MET A 209 5.34 9.01 3.77
CA MET A 209 4.04 9.33 3.18
CA MET A 209 4.03 9.34 3.19
C MET A 209 3.41 10.55 3.87
N ALA A 210 3.70 10.75 5.16
CA ALA A 210 3.23 11.98 5.85
C ALA A 210 3.97 13.22 5.29
N ILE A 211 5.25 13.07 5.00
CA ILE A 211 5.94 14.15 4.26
C ILE A 211 5.30 14.43 2.89
N GLU A 212 4.90 13.39 2.16
CA GLU A 212 4.17 13.61 0.94
C GLU A 212 2.93 14.46 1.12
N MET A 213 2.16 14.16 2.17
CA MET A 213 0.93 14.85 2.45
C MET A 213 1.15 16.33 2.82
N ILE A 214 2.31 16.61 3.44
CA ILE A 214 2.72 17.99 3.79
C ILE A 214 3.30 18.75 2.58
N GLU A 215 4.21 18.09 1.87
CA GLU A 215 5.08 18.72 0.83
C GLU A 215 4.80 18.32 -0.61
N GLY A 216 3.97 17.29 -0.80
CA GLY A 216 3.67 16.79 -2.13
C GLY A 216 4.52 15.71 -2.75
N GLU A 217 5.71 15.44 -2.17
CA GLU A 217 6.68 14.47 -2.71
C GLU A 217 7.38 13.89 -1.51
N PRO A 218 7.93 12.65 -1.61
CA PRO A 218 8.87 12.17 -0.62
C PRO A 218 10.22 12.94 -0.78
N PRO A 219 11.07 12.96 0.27
CA PRO A 219 12.41 13.53 0.06
C PRO A 219 13.17 12.88 -1.14
N TYR A 220 14.00 13.66 -1.85
CA TYR A 220 14.92 13.11 -2.89
C TYR A 220 14.24 12.59 -4.14
N LEU A 221 12.97 12.93 -4.34
CA LEU A 221 12.19 12.34 -5.43
C LEU A 221 12.85 12.63 -6.79
N ASN A 222 13.43 13.84 -6.88
CA ASN A 222 14.11 14.30 -8.08
C ASN A 222 15.45 13.62 -8.32
N GLU A 223 15.95 12.90 -7.31
CA GLU A 223 17.17 12.11 -7.43
C GLU A 223 16.90 10.79 -8.13
N ASN A 224 17.94 10.30 -8.82
CA ASN A 224 17.97 8.94 -9.31
C ASN A 224 17.80 8.06 -8.08
N PRO A 225 17.00 6.97 -8.18
CA PRO A 225 16.78 6.10 -7.03
C PRO A 225 18.07 5.61 -6.36
N LEU A 226 19.07 5.25 -7.17
CA LEU A 226 20.38 4.84 -6.65
C LEU A 226 21.03 5.86 -5.73
N ARG A 227 20.88 7.14 -6.05
CA ARG A 227 21.42 8.19 -5.19
C ARG A 227 20.53 8.33 -3.92
N ALA A 228 19.21 8.28 -4.12
CA ALA A 228 18.25 8.46 -3.02
C ALA A 228 18.53 7.49 -1.87
N LEU A 229 18.71 6.22 -2.21
CA LEU A 229 19.08 5.18 -1.24
C LEU A 229 20.39 5.43 -0.43
N TYR A 230 21.45 5.92 -1.09
CA TYR A 230 22.69 6.37 -0.41
C TYR A 230 22.39 7.56 0.51
N LEU A 231 21.55 8.47 0.01
CA LEU A 231 21.12 9.67 0.72
C LEU A 231 20.28 9.33 1.98
N ILE A 232 19.37 8.38 1.86
CA ILE A 232 18.60 7.94 3.05
C ILE A 232 19.53 7.37 4.12
N ALA A 233 20.44 6.49 3.69
CA ALA A 233 21.38 5.85 4.60
C ALA A 233 22.33 6.86 5.20
N THR A 234 22.73 7.85 4.42
CA THR A 234 23.64 8.88 4.96
C THR A 234 23.01 10.15 5.57
N ASN A 235 21.83 10.57 5.13
CA ASN A 235 21.14 11.72 5.80
C ASN A 235 20.34 11.29 7.05
N GLY A 236 19.88 10.04 7.06
CA GLY A 236 19.05 9.54 8.15
C GLY A 236 17.64 10.13 8.04
N THR A 237 17.14 10.63 9.18
CA THR A 237 15.85 11.25 9.31
C THR A 237 15.80 12.47 8.38
N PRO A 238 14.84 12.48 7.42
CA PRO A 238 14.82 13.52 6.41
C PRO A 238 14.38 14.83 7.05
N GLU A 239 14.77 15.94 6.43
CA GLU A 239 14.52 17.26 6.98
C GLU A 239 13.31 17.81 6.26
N LEU A 240 12.47 18.51 7.00
CA LEU A 240 11.31 19.15 6.38
C LEU A 240 11.73 20.48 5.78
N GLN A 241 11.04 20.86 4.70
CA GLN A 241 11.20 22.11 3.98
C GLN A 241 10.90 23.31 4.92
N ASN A 242 9.74 23.23 5.60
CA ASN A 242 9.19 24.28 6.49
C ASN A 242 8.58 23.69 7.78
N PRO A 243 9.44 23.19 8.68
CA PRO A 243 8.99 22.56 9.93
C PRO A 243 8.16 23.52 10.83
N GLU A 244 8.42 24.82 10.77
CA GLU A 244 7.70 25.82 11.55
C GLU A 244 6.22 25.95 11.18
N LYS A 245 5.84 25.49 10.00
CA LYS A 245 4.46 25.55 9.58
C LYS A 245 3.66 24.42 10.26
N LEU A 246 4.34 23.45 10.87
CA LEU A 246 3.66 22.27 11.45
C LEU A 246 3.39 22.44 12.94
N SER A 247 2.33 21.79 13.44
CA SER A 247 2.03 21.83 14.89
C SER A 247 3.12 21.01 15.58
N ALA A 248 3.36 21.33 16.83
CA ALA A 248 4.33 20.59 17.65
C ALA A 248 4.01 19.08 17.76
N ILE A 249 2.72 18.74 17.79
CA ILE A 249 2.34 17.33 18.02
C ILE A 249 2.49 16.54 16.70
N PHE A 250 2.27 17.19 15.58
CA PHE A 250 2.55 16.59 14.26
C PHE A 250 4.05 16.39 14.06
N ARG A 251 4.86 17.36 14.48
CA ARG A 251 6.31 17.22 14.32
C ARG A 251 6.79 16.05 15.21
N ASP A 252 6.19 15.91 16.40
CA ASP A 252 6.51 14.79 17.27
C ASP A 252 6.14 13.44 16.65
N PHE A 253 4.91 13.35 16.15
CA PHE A 253 4.47 12.19 15.36
C PHE A 253 5.48 11.83 14.24
N LEU A 254 5.87 12.77 13.40
CA LEU A 254 6.82 12.48 12.31
C LEU A 254 8.17 11.96 12.86
N ASN A 255 8.67 12.59 13.90
CA ASN A 255 9.92 12.14 14.51
C ASN A 255 9.82 10.74 15.04
N ARG A 256 8.65 10.35 15.56
CA ARG A 256 8.45 8.97 16.03
CA ARG A 256 8.49 8.98 16.03
C ARG A 256 8.41 7.94 14.89
N CYS A 257 7.83 8.31 13.75
CA CYS A 257 7.81 7.47 12.52
C CYS A 257 9.20 7.37 11.90
N LEU A 258 9.94 8.46 11.93
CA LEU A 258 11.21 8.53 11.17
C LEU A 258 12.46 8.52 12.05
N GLU A 259 12.36 7.88 13.20
CA GLU A 259 13.47 7.59 14.10
C GLU A 259 14.47 6.66 13.41
N MET A 260 15.74 7.08 13.44
CA MET A 260 16.81 6.24 12.87
C MET A 260 16.98 4.90 13.60
N ASP A 261 16.74 4.96 14.90
CA ASP A 261 16.96 3.84 15.78
C ASP A 261 15.68 3.01 15.72
N VAL A 262 15.76 1.81 15.16
CA VAL A 262 14.55 0.99 14.99
C VAL A 262 13.87 0.71 16.35
N GLU A 263 14.65 0.40 17.38
CA GLU A 263 14.09 0.23 18.74
C GLU A 263 13.25 1.42 19.21
N LYS A 264 13.75 2.63 18.99
CA LYS A 264 13.08 3.82 19.43
C LYS A 264 11.91 4.23 18.50
N ARG A 265 11.98 3.88 17.22
CA ARG A 265 10.88 4.18 16.27
C ARG A 265 9.59 3.57 16.82
N GLY A 266 8.47 4.27 16.69
CA GLY A 266 7.19 3.72 17.17
C GLY A 266 6.75 2.47 16.40
N SER A 267 6.08 1.54 17.11
CA SER A 267 5.40 0.45 16.48
C SER A 267 4.03 1.02 16.04
N ALA A 268 3.30 0.29 15.20
CA ALA A 268 1.97 0.76 14.80
C ALA A 268 1.01 0.86 16.02
N LYS A 269 1.04 -0.15 16.89
CA LYS A 269 0.29 -0.17 18.15
C LYS A 269 0.58 1.07 19.02
N GLU A 270 1.86 1.39 19.22
CA GLU A 270 2.22 2.62 19.99
C GLU A 270 1.73 3.90 19.34
N LEU A 271 1.88 4.00 18.03
CA LEU A 271 1.51 5.21 17.30
C LEU A 271 -0.01 5.46 17.17
N LEU A 272 -0.80 4.38 17.23
CA LEU A 272 -2.26 4.52 17.32
C LEU A 272 -2.70 5.29 18.58
N GLN A 273 -1.78 5.36 19.55
CA GLN A 273 -2.01 6.07 20.85
C GLN A 273 -1.56 7.53 20.79
N HIS A 274 -0.81 7.89 19.74
CA HIS A 274 -0.30 9.22 19.59
C HIS A 274 -1.37 10.34 19.56
N GLN A 275 -1.09 11.45 20.28
CA GLN A 275 -2.06 12.53 20.33
C GLN A 275 -2.30 13.26 19.01
N PHE A 276 -1.31 13.20 18.11
CA PHE A 276 -1.51 13.78 16.76
C PHE A 276 -2.78 13.17 16.10
N LEU A 277 -3.02 11.88 16.28
CA LEU A 277 -4.19 11.20 15.65
C LEU A 277 -5.50 11.70 16.24
N LYS A 278 -5.43 12.26 17.46
CA LYS A 278 -6.63 12.83 18.12
C LYS A 278 -7.21 14.12 17.50
N ILE A 279 -6.46 14.79 16.65
CA ILE A 279 -6.95 15.96 15.96
C ILE A 279 -7.60 15.58 14.62
N ALA A 280 -7.66 14.27 14.34
CA ALA A 280 -8.21 13.75 13.12
C ALA A 280 -9.54 14.36 12.87
N LYS A 281 -9.71 14.92 11.69
CA LYS A 281 -11.07 15.28 11.26
C LYS A 281 -11.85 14.02 10.87
N PRO A 282 -13.21 14.09 10.85
CA PRO A 282 -13.93 12.93 10.29
C PRO A 282 -13.40 12.61 8.87
N LEU A 283 -13.45 11.35 8.49
CA LEU A 283 -12.88 10.97 7.20
C LEU A 283 -13.65 11.58 6.02
N SER A 284 -14.94 11.82 6.22
CA SER A 284 -15.77 12.65 5.31
C SER A 284 -15.11 14.01 4.93
N SER A 285 -14.28 14.55 5.82
CA SER A 285 -13.56 15.75 5.50
C SER A 285 -12.63 15.62 4.28
N LEU A 286 -12.28 14.40 3.90
CA LEU A 286 -11.37 14.20 2.78
C LEU A 286 -12.13 14.33 1.45
N THR A 287 -13.47 14.29 1.48
CA THR A 287 -14.23 14.13 0.22
C THR A 287 -14.04 15.32 -0.76
N PRO A 288 -14.01 16.58 -0.27
CA PRO A 288 -13.73 17.61 -1.24
C PRO A 288 -12.31 17.53 -1.87
N LEU A 289 -11.30 16.99 -1.16
CA LEU A 289 -9.95 16.91 -1.74
C LEU A 289 -9.89 15.82 -2.81
N ILE A 290 -10.57 14.71 -2.52
CA ILE A 290 -10.69 13.55 -3.38
C ILE A 290 -11.41 13.98 -4.66
N ALA A 291 -12.47 14.77 -4.52
CA ALA A 291 -13.28 15.19 -5.66
C ALA A 291 -12.51 16.24 -6.46
N ALA A 292 -11.81 17.13 -5.78
CA ALA A 292 -10.97 18.13 -6.43
C ALA A 292 -9.80 17.47 -7.20
N ALA A 293 -9.16 16.47 -6.60
CA ALA A 293 -8.09 15.71 -7.27
C ALA A 293 -8.58 14.89 -8.48
N LYS A 294 -9.74 14.27 -8.33
CA LYS A 294 -10.37 13.48 -9.38
C LYS A 294 -10.55 14.42 -10.56
N GLU A 295 -11.08 15.61 -10.26
CA GLU A 295 -11.28 16.65 -11.27
C GLU A 295 -9.97 17.04 -12.02
N ALA A 296 -8.93 17.38 -11.28
CA ALA A 296 -7.60 17.75 -11.83
C ALA A 296 -6.89 16.65 -12.66
N THR A 297 -7.33 15.41 -12.50
CA THR A 297 -6.52 14.28 -12.88
C THR A 297 -7.13 13.33 -13.93
C26 XR1 B . -4.69 0.88 -8.72
C25 XR1 B . -5.80 0.13 -9.47
N21 XR1 B . -6.42 -0.79 -8.51
C22 XR1 B . -5.90 -2.14 -8.40
CL1 XR1 B . -7.22 -5.10 -9.51
O27 XR1 B . -4.95 -2.54 -9.05
C33 XR1 B . -6.24 -5.36 -8.16
C32 XR1 B . -5.64 -6.61 -7.90
C31 XR1 B . -4.84 -6.82 -6.74
C37 XR1 B . -4.28 -8.21 -6.49
C36 XR1 B . -3.67 -8.95 -7.50
N35 XR1 B . -3.23 -10.19 -7.12
S38 XR1 B . -4.29 -9.17 -5.04
C34 XR1 B . -3.49 -10.45 -5.86
C30 XR1 B . -4.61 -5.75 -5.83
C29 XR1 B . -5.22 -4.52 -6.07
C28 XR1 B . -6.05 -4.30 -7.23
C23 XR1 B . -6.59 -3.05 -7.39
C24 XR1 B . -7.67 -2.65 -6.68
C19 XR1 B . -8.18 -1.27 -6.86
C20 XR1 B . -9.27 -0.70 -6.19
N15 XR1 B . -9.72 0.58 -6.37
C18 XR1 B . -7.56 -0.40 -7.78
N17 XR1 B . -8.00 0.86 -8.01
C16 XR1 B . -9.04 1.31 -7.30
N14 XR1 B . -9.39 2.53 -7.49
C8 XR1 B . -8.84 3.49 -8.20
C13 XR1 B . -7.46 3.69 -8.36
C12 XR1 B . -7.00 4.76 -9.18
C11 XR1 B . -7.88 5.63 -9.86
C10 XR1 B . -9.26 5.43 -9.66
C9 XR1 B . -9.71 4.39 -8.85
N3 XR1 B . -7.47 6.56 -10.67
C2 XR1 B . -7.58 8.01 -10.39
C4 XR1 B . -6.66 6.35 -11.93
C5 XR1 B . -6.72 7.42 -13.05
N6 XR1 B . -6.75 8.84 -12.61
C7 XR1 B . -7.10 9.68 -13.73
C1 XR1 B . -7.84 8.94 -11.61
CL CL C . -15.85 4.55 -3.40
CL CL D . -0.07 -9.94 -18.08
#